data_3BH7
#
_entry.id   3BH7
#
_cell.length_a   73.698
_cell.length_b   77.943
_cell.length_c   97.918
_cell.angle_alpha   90.00
_cell.angle_beta   90.00
_cell.angle_gamma   90.00
#
_symmetry.space_group_name_H-M   'P 21 21 21'
#
loop_
_entity.id
_entity.type
_entity.pdbx_description
1 polymer 'ADP-ribosylation factor-like protein 3'
2 polymer 'Protein XRP2'
3 non-polymer 'MAGNESIUM ION'
4 non-polymer 'TETRAFLUOROALUMINATE ION'
5 non-polymer "GUANOSINE-5'-DIPHOSPHATE"
6 water water
#
loop_
_entity_poly.entity_id
_entity_poly.type
_entity_poly.pdbx_seq_one_letter_code
_entity_poly.pdbx_strand_id
1 'polypeptide(L)'
;GGSEVRILLLGLDNAGKTTLLKQLASEDISHITPTQGFNIKSVQSQGFKLNVWDIGGQRKIRPYWRSYFENTDILIYVID
SADRKRFEETGQELTELLEEEKLSCVPVLIFANKQDLLTAAPASEIAEGLNLHTIRDRVWQIQSCSALTGEGVQDGMNWV
CKNV
;
A
2 'polypeptide(L)'
;GSMGCFFSKRRKADKESRPENEEERPKQYSWDQREKVDPKDYMFSGLKDETVGRLPGTVAGQQFLIQDCENCNIYIFDHS
ATVTIDDCTNCIIFLGPVKGSVFFRNCRDCKCTLACQQFRVRDCRKLEVFLCCATQPIIESSSNIKFGCFQWYYPELAFQ
FKDAGLSIFNNTWSNIHDFTPVSGELNWSLLPEDAVVQDYVPIPTTEELKAVRVSTEANRSIVPISRGQRQKSSDESCLV
VLFAGDYTIANARKLIDEMVGKGFFLVQTKEVSMKAEDAQRVFREKAPDFLPLLNKGPVIALEFNGDGAVEVCQLIVNEI
FNGTKMFVSESKETASGDVDSFYNFADIQMGI
;
B
#
# COMPACT_ATOMS: atom_id res chain seq x y z
N GLU A 4 22.19 11.59 19.54
CA GLU A 4 22.27 12.71 20.50
C GLU A 4 20.91 13.40 20.70
N VAL A 5 20.12 13.52 19.63
CA VAL A 5 18.76 14.07 19.75
C VAL A 5 17.73 12.97 19.49
N ARG A 6 16.90 12.70 20.50
CA ARG A 6 15.87 11.69 20.38
C ARG A 6 14.57 12.33 19.94
N ILE A 7 14.13 11.95 18.73
CA ILE A 7 12.87 12.46 18.18
C ILE A 7 11.84 11.34 18.18
N LEU A 8 10.68 11.61 18.76
CA LEU A 8 9.57 10.67 18.73
C LEU A 8 8.56 11.12 17.67
N LEU A 9 8.24 10.21 16.76
CA LEU A 9 7.37 10.49 15.63
C LEU A 9 5.99 9.85 15.85
N LEU A 10 5.00 10.69 16.15
CA LEU A 10 3.66 10.22 16.50
C LEU A 10 2.57 10.88 15.64
N GLY A 11 1.33 10.43 15.82
CA GLY A 11 0.22 10.85 14.99
C GLY A 11 -0.65 9.65 14.68
N LEU A 12 -1.85 9.92 14.16
CA LEU A 12 -2.79 8.84 13.85
C LEU A 12 -2.24 7.93 12.77
N ASP A 13 -2.77 6.70 12.74
CA ASP A 13 -2.54 5.79 11.64
C ASP A 13 -2.83 6.48 10.30
N ASN A 14 -1.96 6.24 9.31
CA ASN A 14 -2.14 6.78 7.96
C ASN A 14 -1.79 8.28 7.82
N ALA A 15 -1.20 8.88 8.86
CA ALA A 15 -0.87 10.30 8.84
C ALA A 15 0.28 10.62 7.88
N GLY A 16 1.19 9.66 7.74
CA GLY A 16 2.37 9.80 6.90
C GLY A 16 3.69 9.79 7.67
N LYS A 17 3.69 9.26 8.89
CA LYS A 17 4.89 9.27 9.74
C LYS A 17 6.07 8.53 9.09
N THR A 18 5.82 7.33 8.59
CA THR A 18 6.92 6.53 8.00
C THR A 18 7.36 7.11 6.67
N THR A 19 6.41 7.62 5.91
CA THR A 19 6.72 8.33 4.67
C THR A 19 7.64 9.51 5.01
N LEU A 20 7.31 10.25 6.07
CA LEU A 20 8.18 11.31 6.58
C LEU A 20 9.55 10.78 7.05
N LEU A 21 9.53 9.65 7.76
CA LEU A 21 10.78 9.01 8.22
C LEU A 21 11.73 8.73 7.04
N LYS A 22 11.19 8.19 5.95
CA LYS A 22 12.01 7.87 4.79
C LYS A 22 12.46 9.13 4.04
N GLN A 23 11.58 10.13 4.01
CA GLN A 23 11.91 11.44 3.42
C GLN A 23 13.11 12.07 4.13
N LEU A 24 13.08 12.07 5.46
CA LEU A 24 14.19 12.56 6.29
C LEU A 24 15.50 11.81 6.03
N ALA A 25 15.42 10.48 5.98
CA ALA A 25 16.58 9.63 5.74
C ALA A 25 17.10 9.70 4.29
N SER A 26 16.42 10.48 3.46
CA SER A 26 16.73 10.63 2.03
C SER A 26 16.64 9.29 1.28
N GLU A 27 15.60 8.53 1.59
CA GLU A 27 15.42 7.21 1.03
C GLU A 27 14.14 7.13 0.20
N ASP A 28 13.96 5.99 -0.48
CA ASP A 28 12.82 5.77 -1.37
C ASP A 28 11.50 6.03 -0.64
N ILE A 29 10.67 6.87 -1.25
CA ILE A 29 9.44 7.36 -0.64
C ILE A 29 8.19 6.66 -1.19
N SER A 30 8.37 5.94 -2.29
CA SER A 30 7.25 5.45 -3.11
C SER A 30 6.60 4.15 -2.64
N HIS A 31 7.29 3.40 -1.77
CA HIS A 31 6.80 2.11 -1.30
C HIS A 31 6.93 1.98 0.23
N ILE A 32 5.82 2.16 0.93
CA ILE A 32 5.80 2.18 2.41
C ILE A 32 4.70 1.27 2.92
N THR A 33 5.05 0.32 3.78
CA THR A 33 4.04 -0.54 4.43
C THR A 33 3.52 0.08 5.74
N PRO A 34 2.23 -0.16 6.06
CA PRO A 34 1.77 0.26 7.40
C PRO A 34 2.63 -0.35 8.51
N THR A 35 2.92 0.45 9.54
CA THR A 35 3.84 0.04 10.60
C THR A 35 3.10 -0.74 11.68
N GLN A 36 3.58 -1.93 11.99
CA GLN A 36 2.92 -2.78 12.98
C GLN A 36 3.41 -2.54 14.41
N GLY A 37 4.71 -2.25 14.52
CA GLY A 37 5.38 -1.97 15.80
C GLY A 37 6.05 -0.62 15.74
N PHE A 38 7.34 -0.59 15.39
CA PHE A 38 8.08 0.66 15.23
C PHE A 38 9.29 0.57 14.30
N ASN A 39 9.72 1.72 13.81
CA ASN A 39 10.94 1.84 13.03
C ASN A 39 11.87 2.83 13.69
N ILE A 40 13.17 2.64 13.49
CA ILE A 40 14.18 3.60 13.93
C ILE A 40 15.12 3.95 12.79
N LYS A 41 15.46 5.24 12.69
CA LYS A 41 16.49 5.70 11.76
C LYS A 41 17.28 6.86 12.36
N SER A 42 18.58 6.90 12.05
CA SER A 42 19.43 8.03 12.41
C SER A 42 19.65 8.90 11.20
N VAL A 43 19.43 10.21 11.38
CA VAL A 43 19.63 11.19 10.31
C VAL A 43 20.53 12.33 10.77
N GLN A 44 21.35 12.84 9.85
CA GLN A 44 22.18 14.01 10.10
C GLN A 44 21.41 15.26 9.68
N SER A 45 21.47 16.30 10.51
CA SER A 45 20.91 17.60 10.15
C SER A 45 21.60 18.71 10.92
N GLN A 46 22.22 19.64 10.18
CA GLN A 46 22.79 20.86 10.74
C GLN A 46 23.79 20.64 11.89
N GLY A 47 24.58 19.57 11.78
CA GLY A 47 25.58 19.24 12.79
C GLY A 47 25.06 18.34 13.91
N PHE A 48 23.75 18.08 13.90
CA PHE A 48 23.13 17.20 14.87
C PHE A 48 22.92 15.82 14.31
N LYS A 49 22.93 14.82 15.20
CA LYS A 49 22.51 13.48 14.82
CA LYS A 49 22.53 13.46 14.85
C LYS A 49 21.16 13.19 15.47
N LEU A 50 20.16 13.01 14.61
CA LEU A 50 18.80 12.82 15.08
C LEU A 50 18.42 11.34 15.03
N ASN A 51 18.09 10.79 16.19
CA ASN A 51 17.57 9.43 16.30
C ASN A 51 16.05 9.46 16.33
N VAL A 52 15.45 9.06 15.23
CA VAL A 52 14.01 9.19 15.04
C VAL A 52 13.33 7.85 15.32
N TRP A 53 12.37 7.88 16.24
CA TRP A 53 11.57 6.70 16.60
C TRP A 53 10.18 6.85 15.98
N ASP A 54 9.90 6.03 14.97
CA ASP A 54 8.68 6.10 14.18
C ASP A 54 7.72 4.98 14.62
N ILE A 55 6.64 5.37 15.27
CA ILE A 55 5.78 4.42 15.95
C ILE A 55 4.49 4.20 15.18
N GLY A 56 3.97 2.97 15.22
CA GLY A 56 2.65 2.67 14.64
C GLY A 56 1.55 3.41 15.36
N GLY A 57 0.57 3.90 14.61
CA GLY A 57 -0.43 4.82 15.16
C GLY A 57 -1.88 4.37 15.20
N GLN A 58 -2.13 3.09 14.92
CA GLN A 58 -3.49 2.53 15.01
C GLN A 58 -4.03 2.71 16.42
N ARG A 59 -5.31 2.97 16.53
CA ARG A 59 -6.00 3.09 17.81
C ARG A 59 -5.62 1.97 18.78
N LYS A 60 -5.62 0.72 18.29
CA LYS A 60 -5.26 -0.45 19.08
C LYS A 60 -3.92 -0.34 19.79
N ILE A 61 -2.93 0.24 19.10
CA ILE A 61 -1.56 0.23 19.61
C ILE A 61 -1.07 1.54 20.22
N ARG A 62 -1.96 2.53 20.31
CA ARG A 62 -1.64 3.81 20.95
C ARG A 62 -1.24 3.73 22.45
N PRO A 63 -1.80 2.76 23.21
CA PRO A 63 -1.29 2.52 24.57
C PRO A 63 0.21 2.26 24.64
N TYR A 64 0.79 1.74 23.57
CA TYR A 64 2.24 1.46 23.47
CA TYR A 64 2.22 1.47 23.59
C TYR A 64 3.05 2.74 23.36
N TRP A 65 2.40 3.85 22.98
CA TRP A 65 3.09 5.12 22.78
C TRP A 65 3.90 5.55 24.01
N ARG A 66 3.30 5.37 25.20
CA ARG A 66 3.94 5.75 26.47
C ARG A 66 5.28 5.05 26.73
N SER A 67 5.44 3.84 26.18
CA SER A 67 6.67 3.06 26.34
CA SER A 67 6.68 3.08 26.37
C SER A 67 7.89 3.76 25.73
N TYR A 68 7.64 4.76 24.89
CA TYR A 68 8.69 5.51 24.17
C TYR A 68 9.03 6.89 24.71
N PHE A 69 8.20 7.41 25.64
CA PHE A 69 8.32 8.79 26.09
C PHE A 69 9.65 9.16 26.73
N GLU A 70 10.21 8.25 27.53
CA GLU A 70 11.38 8.56 28.35
C GLU A 70 12.57 9.05 27.54
N ASN A 71 13.12 10.20 27.95
CA ASN A 71 14.30 10.83 27.33
C ASN A 71 14.08 11.43 25.93
N THR A 72 12.81 11.47 25.49
CA THR A 72 12.45 12.17 24.26
C THR A 72 12.89 13.63 24.35
N ASP A 73 13.56 14.10 23.31
CA ASP A 73 14.02 15.48 23.23
C ASP A 73 13.04 16.35 22.46
N ILE A 74 12.45 15.78 21.41
CA ILE A 74 11.54 16.49 20.52
C ILE A 74 10.39 15.57 20.14
N LEU A 75 9.17 16.09 20.19
CA LEU A 75 8.01 15.39 19.65
C LEU A 75 7.66 15.94 18.28
N ILE A 76 7.56 15.06 17.29
CA ILE A 76 7.01 15.44 16.00
C ILE A 76 5.67 14.73 15.84
N TYR A 77 4.61 15.51 15.72
CA TYR A 77 3.25 15.00 15.62
C TYR A 77 2.69 15.26 14.22
N VAL A 78 2.36 14.18 13.53
CA VAL A 78 1.99 14.28 12.12
C VAL A 78 0.48 14.16 11.95
N ILE A 79 -0.07 15.09 11.18
CA ILE A 79 -1.51 15.11 10.88
C ILE A 79 -1.74 14.99 9.38
N ASP A 80 -2.67 14.10 9.00
CA ASP A 80 -3.13 14.05 7.61
C ASP A 80 -4.12 15.20 7.42
N SER A 81 -3.64 16.27 6.78
CA SER A 81 -4.41 17.50 6.56
C SER A 81 -5.61 17.30 5.66
N ALA A 82 -5.60 16.20 4.91
CA ALA A 82 -6.65 15.90 3.94
C ALA A 82 -7.58 14.80 4.45
N ASP A 83 -7.54 14.54 5.76
CA ASP A 83 -8.47 13.62 6.41
C ASP A 83 -9.22 14.38 7.50
N ARG A 84 -10.04 15.34 7.07
CA ARG A 84 -10.84 16.19 7.96
C ARG A 84 -11.78 15.38 8.85
N LYS A 85 -12.24 14.24 8.34
CA LYS A 85 -13.10 13.32 9.09
C LYS A 85 -12.52 12.95 10.47
N ARG A 86 -11.20 12.95 10.57
CA ARG A 86 -10.53 12.49 11.78
C ARG A 86 -9.79 13.59 12.54
N PHE A 87 -10.10 14.85 12.22
CA PHE A 87 -9.51 15.99 12.93
C PHE A 87 -9.80 15.96 14.42
N GLU A 88 -11.02 15.54 14.78
CA GLU A 88 -11.40 15.37 16.18
C GLU A 88 -10.56 14.29 16.85
N GLU A 89 -10.40 13.15 16.17
CA GLU A 89 -9.57 12.07 16.70
C GLU A 89 -8.12 12.49 16.95
N THR A 90 -7.51 13.18 15.99
CA THR A 90 -6.11 13.58 16.13
C THR A 90 -5.93 14.66 17.20
N GLY A 91 -6.91 15.55 17.31
CA GLY A 91 -6.93 16.58 18.36
C GLY A 91 -6.93 15.97 19.75
N GLN A 92 -7.79 14.97 19.95
CA GLN A 92 -7.85 14.26 21.23
C GLN A 92 -6.52 13.58 21.58
N GLU A 93 -5.90 12.92 20.60
CA GLU A 93 -4.64 12.23 20.84
C GLU A 93 -3.52 13.22 21.15
N LEU A 94 -3.46 14.32 20.40
CA LEU A 94 -2.46 15.35 20.68
C LEU A 94 -2.66 15.94 22.08
N THR A 95 -3.90 16.26 22.43
CA THR A 95 -4.20 16.86 23.74
C THR A 95 -3.75 15.93 24.88
N GLU A 96 -4.09 14.66 24.77
CA GLU A 96 -3.67 13.66 25.75
C GLU A 96 -2.15 13.50 25.83
N LEU A 97 -1.47 13.54 24.69
CA LEU A 97 -0.01 13.47 24.66
C LEU A 97 0.65 14.60 25.44
N LEU A 98 0.11 15.80 25.30
CA LEU A 98 0.74 16.98 25.89
C LEU A 98 0.48 17.08 27.41
N GLU A 99 -0.48 16.29 27.88
CA GLU A 99 -0.77 16.15 29.31
C GLU A 99 0.19 15.16 30.00
N GLU A 100 0.91 14.35 29.22
CA GLU A 100 1.77 13.29 29.76
C GLU A 100 2.99 13.80 30.51
N GLU A 101 3.15 13.34 31.75
CA GLU A 101 4.26 13.74 32.64
C GLU A 101 5.65 13.55 32.02
N LYS A 102 5.86 12.42 31.34
CA LYS A 102 7.15 12.09 30.76
C LYS A 102 7.53 12.99 29.58
N LEU A 103 6.54 13.68 29.00
CA LEU A 103 6.80 14.60 27.89
C LEU A 103 6.73 16.08 28.29
N SER A 104 6.75 16.37 29.58
CA SER A 104 6.73 17.76 30.05
C SER A 104 7.86 18.57 29.42
N CYS A 105 7.53 19.81 29.02
CA CYS A 105 8.48 20.77 28.45
C CYS A 105 9.06 20.41 27.09
N VAL A 106 8.66 19.27 26.53
CA VAL A 106 9.23 18.78 25.28
C VAL A 106 8.68 19.57 24.09
N PRO A 107 9.56 20.20 23.29
CA PRO A 107 9.12 20.95 22.11
C PRO A 107 8.34 20.04 21.16
N VAL A 108 7.25 20.56 20.60
CA VAL A 108 6.43 19.80 19.66
C VAL A 108 6.33 20.51 18.30
N LEU A 109 6.76 19.81 17.26
CA LEU A 109 6.51 20.23 15.89
C LEU A 109 5.30 19.46 15.39
N ILE A 110 4.27 20.20 14.96
CA ILE A 110 3.12 19.59 14.32
C ILE A 110 3.34 19.73 12.83
N PHE A 111 3.42 18.60 12.14
CA PHE A 111 3.49 18.58 10.68
C PHE A 111 2.08 18.47 10.12
N ALA A 112 1.64 19.49 9.38
CA ALA A 112 0.38 19.41 8.66
C ALA A 112 0.66 18.79 7.29
N ASN A 113 0.60 17.46 7.25
CA ASN A 113 1.05 16.66 6.11
C ASN A 113 0.00 16.51 5.00
N LYS A 114 0.46 16.06 3.83
CA LYS A 114 -0.40 15.78 2.66
C LYS A 114 -1.01 17.06 2.08
N GLN A 115 -0.25 18.15 2.14
CA GLN A 115 -0.68 19.45 1.61
C GLN A 115 -0.85 19.43 0.09
N ASP A 116 -0.25 18.44 -0.57
CA ASP A 116 -0.38 18.25 -2.01
C ASP A 116 -1.79 17.83 -2.43
N LEU A 117 -2.58 17.34 -1.48
CA LEU A 117 -3.93 16.83 -1.73
C LEU A 117 -5.01 17.92 -1.79
N LEU A 118 -6.10 17.61 -2.48
CA LEU A 118 -7.17 18.57 -2.79
C LEU A 118 -7.88 19.14 -1.55
N THR A 119 -8.37 18.25 -0.69
CA THR A 119 -9.16 18.66 0.48
C THR A 119 -8.29 19.03 1.69
N ALA A 120 -6.99 19.18 1.47
CA ALA A 120 -6.06 19.47 2.54
C ALA A 120 -6.38 20.81 3.19
N ALA A 121 -6.63 20.77 4.50
CA ALA A 121 -6.84 21.99 5.27
C ALA A 121 -5.51 22.71 5.45
N PRO A 122 -5.49 24.04 5.24
CA PRO A 122 -4.25 24.79 5.49
C PRO A 122 -3.82 24.70 6.95
N ALA A 123 -2.53 24.85 7.21
CA ALA A 123 -1.98 24.78 8.56
C ALA A 123 -2.70 25.73 9.52
N SER A 124 -2.95 26.96 9.06
CA SER A 124 -3.65 27.97 9.86
C SER A 124 -5.05 27.50 10.30
N GLU A 125 -5.75 26.78 9.42
CA GLU A 125 -7.07 26.24 9.75
C GLU A 125 -6.98 25.13 10.80
N ILE A 126 -5.97 24.26 10.64
CA ILE A 126 -5.72 23.18 11.60
C ILE A 126 -5.32 23.71 12.98
N ALA A 127 -4.48 24.74 12.99
CA ALA A 127 -4.05 25.39 14.24
C ALA A 127 -5.23 26.01 14.99
N GLU A 128 -6.18 26.59 14.25
CA GLU A 128 -7.38 27.19 14.82
C GLU A 128 -8.34 26.12 15.34
N GLY A 129 -8.60 25.10 14.52
CA GLY A 129 -9.53 24.01 14.87
C GLY A 129 -9.07 23.17 16.04
N LEU A 130 -7.76 23.06 16.22
CA LEU A 130 -7.17 22.28 17.30
C LEU A 130 -6.70 23.17 18.45
N ASN A 131 -7.02 24.47 18.35
CA ASN A 131 -6.69 25.46 19.38
C ASN A 131 -5.25 25.39 19.88
N LEU A 132 -4.30 25.31 18.94
CA LEU A 132 -2.87 25.15 19.25
C LEU A 132 -2.26 26.31 20.04
N HIS A 133 -2.90 27.48 19.95
CA HIS A 133 -2.43 28.68 20.65
C HIS A 133 -2.50 28.54 22.18
N THR A 134 -3.34 27.61 22.65
CA THR A 134 -3.49 27.36 24.08
C THR A 134 -2.36 26.50 24.66
N ILE A 135 -1.51 25.98 23.79
CA ILE A 135 -0.29 25.29 24.21
C ILE A 135 0.68 26.32 24.77
N ARG A 136 0.82 26.32 26.10
CA ARG A 136 1.59 27.35 26.79
C ARG A 136 2.64 26.77 27.76
N ASP A 137 2.75 25.45 27.79
CA ASP A 137 3.68 24.74 28.70
C ASP A 137 4.96 24.29 27.99
N ARG A 138 5.10 24.68 26.72
CA ARG A 138 6.20 24.22 25.88
C ARG A 138 6.27 25.08 24.62
N VAL A 139 7.38 25.01 23.91
CA VAL A 139 7.43 25.64 22.60
C VAL A 139 6.84 24.69 21.56
N TRP A 140 6.16 25.26 20.58
CA TRP A 140 5.51 24.49 19.54
C TRP A 140 5.54 25.25 18.23
N GLN A 141 5.36 24.52 17.14
CA GLN A 141 5.28 25.07 15.80
C GLN A 141 4.41 24.16 14.94
N ILE A 142 3.59 24.75 14.08
CA ILE A 142 2.94 24.00 13.01
C ILE A 142 3.64 24.29 11.67
N GLN A 143 3.87 23.23 10.90
CA GLN A 143 4.55 23.34 9.61
C GLN A 143 3.80 22.56 8.55
N SER A 144 3.37 23.26 7.50
CA SER A 144 2.77 22.63 6.32
C SER A 144 3.79 21.81 5.55
N CYS A 145 3.42 20.61 5.14
CA CYS A 145 4.33 19.77 4.37
C CYS A 145 3.66 18.72 3.48
N SER A 146 4.47 18.14 2.60
CA SER A 146 4.12 16.92 1.87
C SER A 146 5.31 15.98 2.01
N ALA A 147 5.11 14.92 2.79
CA ALA A 147 6.15 13.91 3.01
C ALA A 147 6.49 13.22 1.70
N LEU A 148 5.54 13.23 0.77
CA LEU A 148 5.69 12.59 -0.52
C LEU A 148 6.68 13.33 -1.43
N THR A 149 6.52 14.65 -1.52
CA THR A 149 7.41 15.46 -2.36
C THR A 149 8.63 15.93 -1.58
N GLY A 150 8.49 16.02 -0.26
CA GLY A 150 9.54 16.52 0.61
C GLY A 150 9.42 18.00 0.90
N GLU A 151 8.53 18.69 0.18
CA GLU A 151 8.42 20.14 0.34
C GLU A 151 7.81 20.52 1.69
N GLY A 152 8.42 21.51 2.34
CA GLY A 152 8.02 21.91 3.69
C GLY A 152 8.71 21.13 4.80
N VAL A 153 9.22 19.95 4.48
CA VAL A 153 9.80 19.04 5.48
C VAL A 153 11.04 19.65 6.14
N GLN A 154 11.97 20.11 5.31
CA GLN A 154 13.19 20.74 5.80
C GLN A 154 12.91 21.96 6.69
N ASP A 155 11.94 22.77 6.29
CA ASP A 155 11.50 23.93 7.07
C ASP A 155 11.09 23.55 8.49
N GLY A 156 10.36 22.46 8.63
CA GLY A 156 10.00 21.91 9.94
C GLY A 156 11.20 21.45 10.74
N MET A 157 12.12 20.77 10.06
CA MET A 157 13.32 20.22 10.70
C MET A 157 14.29 21.31 11.17
N ASN A 158 14.30 22.45 10.46
CA ASN A 158 15.06 23.62 10.89
C ASN A 158 14.56 24.17 12.23
N TRP A 159 13.25 24.20 12.42
CA TRP A 159 12.68 24.57 13.71
C TRP A 159 13.11 23.59 14.80
N VAL A 160 13.07 22.29 14.47
CA VAL A 160 13.50 21.26 15.41
C VAL A 160 14.93 21.50 15.90
N CYS A 161 15.85 21.67 14.96
CA CYS A 161 17.27 21.87 15.29
C CYS A 161 17.52 23.17 16.06
N LYS A 162 16.69 24.17 15.81
CA LYS A 162 16.70 25.42 16.58
C LYS A 162 16.30 25.24 18.04
N ASN A 163 15.42 24.28 18.31
CA ASN A 163 14.87 24.10 19.65
C ASN A 163 15.39 22.87 20.39
N VAL A 164 16.55 22.37 19.96
CA VAL A 164 17.25 21.29 20.64
C VAL A 164 17.90 21.82 21.91
N PRO B 39 -13.68 21.37 -6.98
CA PRO B 39 -13.56 21.66 -5.55
C PRO B 39 -14.22 20.59 -4.69
N LYS B 40 -14.93 19.67 -5.33
CA LYS B 40 -15.29 18.41 -4.70
C LYS B 40 -16.62 17.88 -5.26
N ASP B 41 -16.76 17.94 -6.58
CA ASP B 41 -17.11 16.75 -7.37
C ASP B 41 -16.01 15.72 -7.33
N TYR B 42 -15.24 15.72 -6.24
CA TYR B 42 -14.34 14.61 -5.94
C TYR B 42 -14.80 13.88 -4.67
N MET B 43 -16.11 13.86 -4.48
CA MET B 43 -16.72 13.08 -3.40
C MET B 43 -18.12 12.59 -3.76
N PHE B 44 -18.47 11.42 -3.25
CA PHE B 44 -19.85 10.94 -3.24
C PHE B 44 -20.30 10.87 -1.80
N SER B 45 -21.36 11.61 -1.49
CA SER B 45 -21.79 11.82 -0.11
C SER B 45 -23.31 11.78 0.02
N GLY B 46 -23.79 10.94 0.94
CA GLY B 46 -25.21 10.89 1.29
C GLY B 46 -26.14 10.34 0.21
N LEU B 47 -25.57 9.63 -0.77
CA LEU B 47 -26.35 9.07 -1.87
C LEU B 47 -27.06 7.80 -1.41
N LYS B 48 -28.23 7.53 -2.00
CA LYS B 48 -29.06 6.39 -1.63
C LYS B 48 -29.65 5.73 -2.87
N ASP B 49 -29.52 4.40 -2.96
CA ASP B 49 -30.08 3.59 -4.05
C ASP B 49 -29.69 4.12 -5.44
N GLU B 50 -28.43 4.52 -5.58
CA GLU B 50 -27.96 5.11 -6.81
C GLU B 50 -26.84 4.30 -7.45
N THR B 51 -26.66 4.49 -8.75
CA THR B 51 -25.47 4.01 -9.43
C THR B 51 -24.75 5.20 -10.04
N VAL B 52 -23.50 5.39 -9.63
CA VAL B 52 -22.73 6.60 -9.93
C VAL B 52 -21.28 6.21 -10.26
N GLY B 53 -20.54 7.14 -10.88
CA GLY B 53 -19.16 6.86 -11.24
C GLY B 53 -18.35 8.00 -11.82
N ARG B 54 -17.11 7.69 -12.16
CA ARG B 54 -16.21 8.65 -12.78
C ARG B 54 -15.51 7.99 -13.97
N LEU B 55 -15.59 8.66 -15.13
CA LEU B 55 -14.96 8.15 -16.34
C LEU B 55 -13.46 8.48 -16.32
N PRO B 56 -12.64 7.70 -17.07
CA PRO B 56 -11.21 8.01 -17.21
C PRO B 56 -10.95 9.48 -17.52
N GLY B 57 -10.01 10.08 -16.80
CA GLY B 57 -9.64 11.48 -17.00
C GLY B 57 -10.31 12.46 -16.05
N THR B 58 -11.38 12.04 -15.39
CA THR B 58 -12.20 12.96 -14.57
C THR B 58 -11.75 13.08 -13.12
N VAL B 59 -10.84 12.21 -12.69
CA VAL B 59 -10.24 12.29 -11.35
C VAL B 59 -8.78 12.66 -11.47
N ALA B 60 -8.06 11.95 -12.33
CA ALA B 60 -6.69 12.28 -12.73
C ALA B 60 -5.72 12.48 -11.56
N GLY B 61 -5.75 11.55 -10.61
CA GLY B 61 -4.78 11.53 -9.53
C GLY B 61 -5.11 12.39 -8.33
N GLN B 62 -6.29 13.01 -8.36
CA GLN B 62 -6.79 13.77 -7.22
C GLN B 62 -7.30 12.82 -6.14
N GLN B 63 -7.37 13.31 -4.92
CA GLN B 63 -7.99 12.58 -3.81
C GLN B 63 -9.48 12.38 -4.09
N PHE B 64 -10.02 11.23 -3.69
CA PHE B 64 -11.46 11.00 -3.76
C PHE B 64 -12.04 10.56 -2.42
N LEU B 65 -13.26 11.00 -2.13
CA LEU B 65 -13.91 10.70 -0.86
C LEU B 65 -15.28 10.07 -1.07
N ILE B 66 -15.60 9.08 -0.25
CA ILE B 66 -16.91 8.44 -0.26
C ILE B 66 -17.44 8.34 1.16
N GLN B 67 -18.63 8.86 1.40
CA GLN B 67 -19.21 8.82 2.74
C GLN B 67 -20.73 8.80 2.78
N ASP B 68 -21.27 8.05 3.74
CA ASP B 68 -22.71 7.99 4.03
C ASP B 68 -23.55 7.59 2.82
N CYS B 69 -23.04 6.63 2.05
CA CYS B 69 -23.76 6.09 0.92
C CYS B 69 -24.34 4.73 1.28
N GLU B 70 -25.60 4.50 0.93
CA GLU B 70 -26.24 3.20 1.18
C GLU B 70 -26.95 2.67 -0.05
N ASN B 71 -26.78 1.37 -0.31
CA ASN B 71 -27.34 0.70 -1.48
C ASN B 71 -26.90 1.35 -2.78
N CYS B 72 -25.62 1.68 -2.87
CA CYS B 72 -25.09 2.41 -4.02
C CYS B 72 -24.05 1.60 -4.81
N ASN B 73 -24.06 1.78 -6.13
CA ASN B 73 -23.03 1.23 -6.99
C ASN B 73 -22.12 2.35 -7.46
N ILE B 74 -20.85 2.25 -7.08
CA ILE B 74 -19.88 3.32 -7.30
C ILE B 74 -18.71 2.78 -8.11
N TYR B 75 -18.47 3.41 -9.26
CA TYR B 75 -17.40 2.98 -10.17
C TYR B 75 -16.50 4.15 -10.56
N ILE B 76 -15.40 4.31 -9.85
CA ILE B 76 -14.33 5.18 -10.25
C ILE B 76 -13.24 4.61 -11.15
N PHE B 77 -13.47 4.78 -12.45
CA PHE B 77 -12.61 4.27 -13.49
C PHE B 77 -11.51 5.24 -13.83
N ASP B 78 -10.81 5.70 -12.81
CA ASP B 78 -9.66 6.55 -12.98
C ASP B 78 -8.70 6.38 -11.82
N HIS B 79 -7.49 6.89 -11.99
CA HIS B 79 -6.52 6.82 -10.89
C HIS B 79 -6.71 7.96 -9.91
N SER B 80 -6.37 7.72 -8.65
CA SER B 80 -6.55 8.71 -7.58
C SER B 80 -5.37 8.70 -6.62
N ALA B 81 -5.27 9.75 -5.81
CA ALA B 81 -4.17 9.90 -4.87
C ALA B 81 -4.37 9.01 -3.65
N THR B 82 -5.59 9.04 -3.13
CA THR B 82 -6.01 8.30 -1.94
C THR B 82 -7.53 8.26 -1.94
N VAL B 83 -8.09 7.24 -1.29
CA VAL B 83 -9.54 7.17 -1.14
C VAL B 83 -9.88 6.79 0.31
N THR B 84 -10.83 7.51 0.89
CA THR B 84 -11.43 7.11 2.16
C THR B 84 -12.90 6.81 1.96
N ILE B 85 -13.36 5.72 2.56
CA ILE B 85 -14.76 5.31 2.52
C ILE B 85 -15.29 5.23 3.95
N ASP B 86 -16.22 6.14 4.27
CA ASP B 86 -16.76 6.28 5.63
C ASP B 86 -18.26 6.02 5.68
N ASP B 87 -18.67 5.15 6.60
CA ASP B 87 -20.08 4.92 6.90
C ASP B 87 -20.93 4.55 5.69
N CYS B 88 -20.44 3.61 4.91
CA CYS B 88 -21.17 3.13 3.75
C CYS B 88 -21.75 1.75 4.01
N THR B 89 -22.95 1.51 3.47
CA THR B 89 -23.69 0.28 3.74
C THR B 89 -24.27 -0.28 2.44
N ASN B 90 -24.02 -1.58 2.19
CA ASN B 90 -24.55 -2.27 1.00
C ASN B 90 -24.14 -1.63 -0.32
N CYS B 91 -22.87 -1.24 -0.42
CA CYS B 91 -22.38 -0.62 -1.64
C CYS B 91 -21.53 -1.57 -2.47
N ILE B 92 -21.56 -1.37 -3.78
CA ILE B 92 -20.64 -2.02 -4.71
C ILE B 92 -19.69 -0.93 -5.20
N ILE B 93 -18.40 -1.14 -4.99
CA ILE B 93 -17.41 -0.11 -5.30
C ILE B 93 -16.25 -0.65 -6.13
N PHE B 94 -16.04 -0.05 -7.31
CA PHE B 94 -14.78 -0.23 -8.01
C PHE B 94 -13.94 1.03 -7.88
N LEU B 95 -12.70 0.85 -7.42
CA LEU B 95 -11.73 1.93 -7.39
C LEU B 95 -10.58 1.64 -8.35
N GLY B 96 -10.38 2.55 -9.31
CA GLY B 96 -9.18 2.55 -10.13
C GLY B 96 -7.94 2.76 -9.28
N PRO B 97 -6.75 2.52 -9.85
CA PRO B 97 -5.48 2.54 -9.11
C PRO B 97 -5.27 3.76 -8.20
N VAL B 98 -5.04 3.46 -6.92
CA VAL B 98 -4.86 4.49 -5.90
C VAL B 98 -3.37 4.60 -5.53
N LYS B 99 -2.80 5.77 -5.75
CA LYS B 99 -1.36 5.97 -5.53
C LYS B 99 -0.95 5.78 -4.06
N GLY B 100 -1.82 6.21 -3.14
CA GLY B 100 -1.58 6.09 -1.70
C GLY B 100 -2.47 5.02 -1.06
N SER B 101 -3.08 5.38 0.07
CA SER B 101 -3.91 4.43 0.81
C SER B 101 -5.38 4.43 0.41
N VAL B 102 -6.01 3.27 0.58
CA VAL B 102 -7.46 3.17 0.61
C VAL B 102 -7.84 2.79 2.04
N PHE B 103 -8.78 3.54 2.61
CA PHE B 103 -9.13 3.36 4.02
C PHE B 103 -10.65 3.22 4.15
N PHE B 104 -11.09 2.03 4.55
CA PHE B 104 -12.50 1.75 4.87
C PHE B 104 -12.73 1.92 6.37
N ARG B 105 -13.69 2.76 6.74
CA ARG B 105 -14.04 3.00 8.14
C ARG B 105 -15.56 2.96 8.34
N ASN B 106 -16.00 2.16 9.31
CA ASN B 106 -17.44 2.07 9.66
C ASN B 106 -18.33 1.64 8.49
N CYS B 107 -17.85 0.69 7.70
CA CYS B 107 -18.58 0.19 6.54
C CYS B 107 -19.10 -1.22 6.80
N ARG B 108 -20.28 -1.53 6.25
CA ARG B 108 -20.85 -2.87 6.39
C ARG B 108 -21.41 -3.36 5.05
N ASP B 109 -21.29 -4.66 4.82
CA ASP B 109 -21.83 -5.32 3.62
C ASP B 109 -21.46 -4.64 2.30
N CYS B 110 -20.17 -4.35 2.12
CA CYS B 110 -19.72 -3.74 0.87
C CYS B 110 -18.92 -4.73 0.03
N LYS B 111 -19.05 -4.62 -1.29
CA LYS B 111 -18.35 -5.52 -2.22
C LYS B 111 -17.51 -4.68 -3.17
N CYS B 112 -16.20 -4.97 -3.20
CA CYS B 112 -15.25 -4.03 -3.76
C CYS B 112 -14.14 -4.65 -4.61
N THR B 113 -13.79 -3.96 -5.69
CA THR B 113 -12.59 -4.27 -6.46
C THR B 113 -11.72 -3.02 -6.53
N LEU B 114 -10.47 -3.14 -6.10
CA LEU B 114 -9.58 -1.98 -6.02
C LEU B 114 -8.09 -2.32 -6.05
N ALA B 115 -7.30 -1.36 -6.53
CA ALA B 115 -5.84 -1.44 -6.50
C ALA B 115 -5.30 -0.23 -5.76
N CYS B 116 -4.31 -0.44 -4.89
CA CYS B 116 -3.79 0.62 -4.02
C CYS B 116 -2.36 0.35 -3.55
N GLN B 117 -1.71 1.36 -2.97
CA GLN B 117 -0.41 1.15 -2.34
C GLN B 117 -0.59 0.53 -0.94
N GLN B 118 -1.54 1.06 -0.16
CA GLN B 118 -1.87 0.50 1.15
C GLN B 118 -3.38 0.27 1.26
N PHE B 119 -3.76 -0.83 1.90
CA PHE B 119 -5.17 -1.11 2.18
C PHE B 119 -5.39 -1.15 3.68
N ARG B 120 -6.34 -0.35 4.16
CA ARG B 120 -6.61 -0.26 5.60
C ARG B 120 -8.10 -0.41 5.88
N VAL B 121 -8.43 -1.11 6.96
CA VAL B 121 -9.83 -1.33 7.36
C VAL B 121 -9.96 -1.08 8.87
N ARG B 122 -10.96 -0.30 9.26
CA ARG B 122 -11.29 -0.14 10.68
C ARG B 122 -12.79 -0.10 10.92
N ASP B 123 -13.25 -0.85 11.92
CA ASP B 123 -14.64 -0.81 12.39
C ASP B 123 -15.61 -1.23 11.28
N CYS B 124 -15.22 -2.27 10.53
CA CYS B 124 -16.01 -2.74 9.40
C CYS B 124 -16.45 -4.18 9.61
N ARG B 125 -17.52 -4.55 8.93
CA ARG B 125 -18.06 -5.90 9.02
C ARG B 125 -18.55 -6.33 7.64
N LYS B 126 -18.28 -7.59 7.28
CA LYS B 126 -18.80 -8.18 6.05
C LYS B 126 -18.43 -7.41 4.79
N LEU B 127 -17.12 -7.22 4.61
CA LEU B 127 -16.59 -6.65 3.38
C LEU B 127 -16.03 -7.78 2.54
N GLU B 128 -16.16 -7.65 1.23
CA GLU B 128 -15.61 -8.62 0.29
C GLU B 128 -14.86 -7.83 -0.78
N VAL B 129 -13.55 -8.03 -0.86
CA VAL B 129 -12.71 -7.21 -1.73
C VAL B 129 -11.85 -8.05 -2.67
N PHE B 130 -11.82 -7.64 -3.93
CA PHE B 130 -10.86 -8.15 -4.90
C PHE B 130 -9.75 -7.13 -4.98
N LEU B 131 -8.60 -7.49 -4.41
CA LEU B 131 -7.57 -6.52 -4.06
C LEU B 131 -6.27 -6.65 -4.85
N CYS B 132 -5.70 -5.51 -5.22
CA CYS B 132 -4.29 -5.42 -5.60
C CYS B 132 -3.64 -4.41 -4.66
N CYS B 133 -2.71 -4.88 -3.85
CA CYS B 133 -2.07 -4.03 -2.85
C CYS B 133 -0.56 -4.17 -2.92
N ALA B 134 0.13 -3.05 -2.99
CA ALA B 134 1.60 -3.04 -3.00
C ALA B 134 2.24 -3.44 -1.70
N THR B 135 1.50 -3.31 -0.61
CA THR B 135 1.97 -3.68 0.70
C THR B 135 1.01 -4.57 1.47
N GLN B 136 1.30 -4.80 2.73
CA GLN B 136 0.51 -5.74 3.51
C GLN B 136 -0.81 -5.11 3.97
N PRO B 137 -1.93 -5.68 3.51
CA PRO B 137 -3.24 -5.16 3.91
C PRO B 137 -3.42 -5.32 5.42
N ILE B 138 -4.08 -4.35 6.04
CA ILE B 138 -4.32 -4.41 7.47
C ILE B 138 -5.80 -4.21 7.79
N ILE B 139 -6.27 -4.93 8.80
CA ILE B 139 -7.61 -4.69 9.36
C ILE B 139 -7.51 -4.41 10.86
N GLU B 140 -8.53 -3.76 11.39
CA GLU B 140 -8.55 -3.41 12.80
C GLU B 140 -9.99 -3.30 13.28
N SER B 141 -10.28 -3.90 14.43
CA SER B 141 -11.62 -3.88 15.01
C SER B 141 -12.68 -4.22 13.97
N SER B 142 -12.41 -5.25 13.18
CA SER B 142 -13.26 -5.61 12.04
C SER B 142 -13.51 -7.11 12.05
N SER B 143 -14.58 -7.53 11.39
CA SER B 143 -14.93 -8.94 11.35
C SER B 143 -15.51 -9.33 9.99
N ASN B 144 -15.35 -10.61 9.64
CA ASN B 144 -15.85 -11.15 8.38
C ASN B 144 -15.41 -10.33 7.17
N ILE B 145 -14.10 -10.09 7.06
CA ILE B 145 -13.55 -9.38 5.92
C ILE B 145 -12.90 -10.42 4.98
N LYS B 146 -13.40 -10.50 3.76
CA LYS B 146 -12.92 -11.52 2.80
C LYS B 146 -12.16 -10.91 1.64
N PHE B 147 -11.08 -11.60 1.22
CA PHE B 147 -10.16 -11.10 0.21
C PHE B 147 -10.01 -12.03 -0.98
N GLY B 148 -9.96 -11.43 -2.16
CA GLY B 148 -9.64 -12.13 -3.40
C GLY B 148 -8.63 -11.30 -4.17
N CYS B 149 -8.06 -11.89 -5.21
CA CYS B 149 -7.13 -11.17 -6.07
C CYS B 149 -7.89 -10.25 -7.03
N PHE B 150 -7.36 -9.04 -7.22
CA PHE B 150 -7.83 -8.09 -8.23
C PHE B 150 -8.00 -8.78 -9.59
N GLN B 151 -9.17 -8.58 -10.19
CA GLN B 151 -9.49 -9.17 -11.50
C GLN B 151 -10.41 -8.24 -12.28
N TRP B 152 -9.81 -7.46 -13.20
CA TRP B 152 -10.51 -6.40 -13.92
C TRP B 152 -9.68 -5.92 -15.10
N TYR B 153 -10.36 -5.52 -16.17
CA TYR B 153 -9.72 -4.89 -17.32
C TYR B 153 -10.61 -3.82 -17.91
N TYR B 154 -9.98 -2.74 -18.35
CA TYR B 154 -10.51 -1.83 -19.37
C TYR B 154 -9.33 -1.14 -20.08
N PRO B 155 -9.54 -0.68 -21.33
CA PRO B 155 -8.43 -0.16 -22.12
C PRO B 155 -7.56 0.87 -21.41
N GLU B 156 -8.19 1.76 -20.63
CA GLU B 156 -7.48 2.85 -19.95
C GLU B 156 -6.71 2.38 -18.70
N LEU B 157 -7.10 1.23 -18.16
CA LEU B 157 -6.63 0.75 -16.86
C LEU B 157 -5.11 0.62 -16.71
N ALA B 158 -4.44 0.09 -17.74
CA ALA B 158 -2.98 -0.10 -17.68
C ALA B 158 -2.24 1.21 -17.43
N PHE B 159 -2.60 2.27 -18.16
CA PHE B 159 -1.98 3.58 -17.99
C PHE B 159 -2.33 4.23 -16.65
N GLN B 160 -3.53 3.94 -16.14
CA GLN B 160 -3.91 4.40 -14.80
C GLN B 160 -3.02 3.81 -13.71
N PHE B 161 -2.71 2.52 -13.82
CA PHE B 161 -1.72 1.86 -12.96
C PHE B 161 -0.38 2.58 -13.01
N LYS B 162 0.07 2.90 -14.22
CA LYS B 162 1.34 3.60 -14.41
C LYS B 162 1.30 4.99 -13.77
N ASP B 163 0.21 5.72 -14.00
CA ASP B 163 0.06 7.07 -13.43
C ASP B 163 -0.01 7.06 -11.90
N ALA B 164 -0.57 6.00 -11.33
CA ALA B 164 -0.63 5.83 -9.87
C ALA B 164 0.67 5.28 -9.28
N GLY B 165 1.64 5.02 -10.15
CA GLY B 165 2.94 4.46 -9.75
C GLY B 165 2.85 3.04 -9.20
N LEU B 166 1.82 2.30 -9.62
CA LEU B 166 1.60 0.96 -9.10
C LEU B 166 2.02 -0.11 -10.10
N SER B 167 2.89 -1.02 -9.67
CA SER B 167 3.26 -2.15 -10.50
C SER B 167 2.20 -3.23 -10.43
N ILE B 168 1.81 -3.77 -11.58
CA ILE B 168 0.86 -4.88 -11.62
C ILE B 168 1.43 -6.17 -10.98
N PHE B 169 2.74 -6.19 -10.77
CA PHE B 169 3.43 -7.38 -10.27
C PHE B 169 3.69 -7.35 -8.76
N ASN B 170 3.51 -6.19 -8.15
CA ASN B 170 3.68 -6.11 -6.71
C ASN B 170 2.31 -6.14 -6.04
N ASN B 171 1.86 -7.36 -5.77
CA ASN B 171 0.53 -7.56 -5.24
C ASN B 171 0.56 -8.59 -4.12
N THR B 172 0.45 -8.10 -2.90
CA THR B 172 0.24 -8.96 -1.75
C THR B 172 -1.18 -8.70 -1.23
N TRP B 173 -2.14 -9.49 -1.70
CA TRP B 173 -3.55 -9.28 -1.44
C TRP B 173 -4.10 -10.21 -0.35
N SER B 174 -3.34 -11.27 -0.06
CA SER B 174 -3.82 -12.34 0.82
C SER B 174 -3.13 -12.40 2.18
N ASN B 175 -2.02 -11.68 2.34
CA ASN B 175 -1.26 -11.73 3.60
C ASN B 175 -1.70 -10.63 4.58
N ILE B 176 -2.88 -10.81 5.13
CA ILE B 176 -3.49 -9.78 5.97
C ILE B 176 -2.87 -9.75 7.36
N HIS B 177 -2.69 -8.56 7.91
CA HIS B 177 -2.39 -8.39 9.33
C HIS B 177 -3.61 -7.83 10.06
N ASP B 178 -4.00 -8.52 11.13
CA ASP B 178 -5.11 -8.09 11.97
C ASP B 178 -4.52 -7.51 13.25
N PHE B 179 -4.82 -6.25 13.50
CA PHE B 179 -4.35 -5.57 14.71
C PHE B 179 -5.11 -6.02 15.96
N THR B 180 -6.29 -6.59 15.76
CA THR B 180 -7.16 -7.00 16.86
C THR B 180 -7.65 -8.45 16.69
N PRO B 181 -6.73 -9.42 16.74
CA PRO B 181 -7.18 -10.79 16.54
C PRO B 181 -7.94 -11.31 17.77
N VAL B 182 -8.74 -12.34 17.57
CA VAL B 182 -9.46 -12.98 18.68
C VAL B 182 -9.07 -14.45 18.74
N SER B 183 -8.56 -14.86 19.90
CA SER B 183 -8.10 -16.24 20.14
C SER B 183 -9.05 -17.28 19.58
N GLY B 184 -8.48 -18.23 18.84
CA GLY B 184 -9.24 -19.38 18.33
C GLY B 184 -10.23 -19.04 17.26
N GLU B 185 -10.21 -17.80 16.78
CA GLU B 185 -11.04 -17.39 15.65
C GLU B 185 -10.34 -16.42 14.70
N LEU B 186 -10.94 -16.22 13.53
CA LEU B 186 -10.34 -15.40 12.50
C LEU B 186 -11.31 -14.33 12.00
N ASN B 187 -10.84 -13.09 11.94
CA ASN B 187 -11.65 -11.95 11.52
C ASN B 187 -11.60 -11.70 10.02
N TRP B 188 -10.81 -12.50 9.33
CA TRP B 188 -10.67 -12.38 7.90
C TRP B 188 -10.39 -13.75 7.29
N SER B 189 -10.68 -13.87 5.99
CA SER B 189 -10.42 -15.09 5.24
C SER B 189 -10.30 -14.76 3.75
N LEU B 190 -10.07 -15.79 2.95
CA LEU B 190 -9.97 -15.62 1.50
C LEU B 190 -11.26 -16.07 0.81
N LEU B 191 -11.76 -15.23 -0.11
CA LEU B 191 -12.91 -15.55 -0.93
C LEU B 191 -12.68 -16.86 -1.67
N PRO B 192 -13.77 -17.62 -1.94
CA PRO B 192 -13.64 -18.87 -2.69
C PRO B 192 -12.90 -18.62 -4.00
N GLU B 193 -12.00 -19.53 -4.36
CA GLU B 193 -11.21 -19.38 -5.58
C GLU B 193 -12.09 -19.39 -6.82
N ASP B 194 -13.21 -20.10 -6.75
CA ASP B 194 -14.14 -20.20 -7.86
C ASP B 194 -15.15 -19.05 -7.91
N ALA B 195 -14.99 -18.07 -6.99
CA ALA B 195 -15.89 -16.92 -6.93
C ALA B 195 -15.89 -16.16 -8.24
N VAL B 196 -17.08 -15.75 -8.68
CA VAL B 196 -17.25 -15.06 -9.94
C VAL B 196 -17.39 -13.55 -9.67
N VAL B 197 -16.47 -12.78 -10.26
CA VAL B 197 -16.35 -11.33 -10.01
C VAL B 197 -17.65 -10.58 -10.29
N GLN B 198 -18.31 -10.92 -11.40
CA GLN B 198 -19.60 -10.33 -11.78
C GLN B 198 -20.67 -10.47 -10.68
N ASP B 199 -20.60 -11.55 -9.90
CA ASP B 199 -21.54 -11.78 -8.79
C ASP B 199 -21.33 -10.88 -7.57
N TYR B 200 -20.15 -10.27 -7.49
CA TYR B 200 -19.80 -9.38 -6.39
C TYR B 200 -19.77 -7.93 -6.86
N VAL B 201 -18.99 -7.67 -7.90
CA VAL B 201 -18.86 -6.32 -8.48
C VAL B 201 -19.24 -6.38 -9.96
N PRO B 202 -20.55 -6.35 -10.25
CA PRO B 202 -21.01 -6.40 -11.64
C PRO B 202 -20.53 -5.19 -12.44
N ILE B 203 -20.32 -5.38 -13.73
CA ILE B 203 -19.96 -4.26 -14.59
C ILE B 203 -21.18 -3.33 -14.76
N PRO B 204 -20.95 -2.01 -14.85
CA PRO B 204 -22.05 -1.04 -14.96
C PRO B 204 -22.86 -1.22 -16.23
N THR B 205 -24.15 -0.90 -16.17
CA THR B 205 -25.06 -0.99 -17.31
C THR B 205 -25.70 0.36 -17.68
N THR B 206 -25.28 1.43 -17.00
CA THR B 206 -25.83 2.77 -17.25
C THR B 206 -25.20 3.42 -18.47
N GLU B 207 -25.96 4.28 -19.12
CA GLU B 207 -25.50 5.00 -20.32
C GLU B 207 -24.31 5.90 -20.02
N GLU B 208 -24.30 6.50 -18.83
CA GLU B 208 -23.23 7.41 -18.41
C GLU B 208 -21.87 6.71 -18.26
N LEU B 209 -21.91 5.42 -17.95
CA LEU B 209 -20.71 4.63 -17.67
C LEU B 209 -20.37 3.62 -18.77
N LYS B 210 -21.09 3.68 -19.88
CA LYS B 210 -20.93 2.70 -20.98
C LYS B 210 -19.66 2.85 -21.80
N ALA B 211 -19.11 4.06 -21.83
CA ALA B 211 -17.87 4.32 -22.56
C ALA B 211 -16.71 3.45 -22.07
N VAL B 212 -16.74 3.08 -20.79
CA VAL B 212 -15.71 2.22 -20.20
C VAL B 212 -16.01 0.76 -20.48
N ARG B 213 -15.22 0.16 -21.37
CA ARG B 213 -15.47 -1.19 -21.84
C ARG B 213 -14.76 -2.22 -20.97
N VAL B 214 -15.50 -2.78 -20.01
CA VAL B 214 -14.93 -3.60 -18.95
C VAL B 214 -15.00 -5.10 -19.25
N SER B 215 -13.91 -5.79 -18.93
CA SER B 215 -13.88 -7.24 -18.91
C SER B 215 -13.44 -7.72 -17.52
N THR B 216 -14.19 -8.67 -16.96
CA THR B 216 -13.84 -9.28 -15.68
C THR B 216 -13.23 -10.67 -15.88
N GLU B 217 -12.85 -10.98 -17.12
CA GLU B 217 -12.22 -12.25 -17.46
C GLU B 217 -10.82 -12.32 -16.87
N ALA B 218 -10.51 -13.45 -16.23
CA ALA B 218 -9.20 -13.68 -15.62
C ALA B 218 -8.02 -13.52 -16.59
N ASN B 219 -8.21 -13.93 -17.85
CA ASN B 219 -7.13 -13.81 -18.84
C ASN B 219 -7.01 -12.45 -19.53
N ARG B 220 -7.88 -11.51 -19.16
CA ARG B 220 -7.75 -10.13 -19.62
C ARG B 220 -7.31 -9.19 -18.49
N SER B 221 -7.38 -9.67 -17.25
CA SER B 221 -7.07 -8.86 -16.06
C SER B 221 -5.69 -8.21 -16.17
N ILE B 222 -5.65 -6.90 -15.95
CA ILE B 222 -4.41 -6.15 -15.96
C ILE B 222 -3.47 -6.69 -14.88
N VAL B 223 -4.03 -7.06 -13.73
CA VAL B 223 -3.27 -7.70 -12.66
C VAL B 223 -3.39 -9.22 -12.83
N PRO B 224 -2.25 -9.91 -13.02
CA PRO B 224 -2.32 -11.36 -13.15
C PRO B 224 -2.86 -11.99 -11.88
N ILE B 225 -3.69 -13.03 -12.04
CA ILE B 225 -4.34 -13.65 -10.89
C ILE B 225 -3.34 -14.55 -10.17
N SER B 226 -2.96 -14.15 -8.97
CA SER B 226 -1.99 -14.88 -8.16
C SER B 226 -2.67 -15.56 -6.99
N ARG B 227 -2.15 -16.71 -6.58
CA ARG B 227 -2.74 -17.53 -5.52
C ARG B 227 -2.38 -17.07 -4.11
N GLY B 228 -1.29 -16.35 -4.04
CA GLY B 228 -0.68 -15.93 -2.81
C GLY B 228 -0.68 -17.00 -1.77
N GLN B 229 -1.37 -16.76 -0.69
CA GLN B 229 -1.30 -17.55 0.48
C GLN B 229 -2.27 -18.73 0.50
N ARG B 230 -3.04 -18.90 -0.54
CA ARG B 230 -3.92 -20.06 -0.64
C ARG B 230 -3.21 -21.38 -0.43
N GLN B 231 -3.85 -22.35 0.20
CA GLN B 231 -3.28 -23.69 0.36
C GLN B 231 -2.91 -24.29 -1.00
N LYS B 232 -1.76 -24.94 -1.05
CA LYS B 232 -1.31 -25.65 -2.23
C LYS B 232 -1.40 -27.11 -2.06
N SER B 233 -1.58 -27.83 -3.15
CA SER B 233 -1.39 -29.27 -3.22
C SER B 233 0.03 -29.71 -3.09
N SER B 234 0.90 -29.04 -3.83
CA SER B 234 2.15 -29.55 -4.28
C SER B 234 3.20 -28.70 -3.64
N ASP B 235 4.31 -29.29 -3.23
CA ASP B 235 5.39 -28.49 -2.73
C ASP B 235 6.46 -28.12 -3.75
N GLU B 236 6.18 -28.33 -5.02
CA GLU B 236 7.10 -27.97 -6.08
C GLU B 236 6.86 -26.51 -6.52
N SER B 237 7.92 -25.71 -6.44
CA SER B 237 7.91 -24.33 -6.90
C SER B 237 8.81 -24.18 -8.12
N CYS B 238 8.71 -23.03 -8.78
CA CYS B 238 9.62 -22.67 -9.86
C CYS B 238 9.72 -21.15 -9.91
N LEU B 239 10.94 -20.65 -9.89
CA LEU B 239 11.19 -19.21 -10.07
C LEU B 239 11.52 -18.91 -11.52
N VAL B 240 10.90 -17.88 -12.07
CA VAL B 240 11.32 -17.29 -13.34
C VAL B 240 11.68 -15.84 -13.09
N VAL B 241 12.81 -15.39 -13.61
CA VAL B 241 13.15 -13.98 -13.55
C VAL B 241 13.33 -13.43 -14.97
N LEU B 242 12.53 -12.43 -15.30
CA LEU B 242 12.60 -11.75 -16.58
C LEU B 242 13.24 -10.39 -16.35
N PHE B 243 13.97 -9.90 -17.36
CA PHE B 243 14.70 -8.65 -17.21
C PHE B 243 14.06 -7.53 -18.02
N ALA B 244 14.25 -6.30 -17.55
CA ALA B 244 13.53 -5.13 -18.04
C ALA B 244 13.65 -4.93 -19.54
N GLY B 245 12.57 -4.47 -20.16
CA GLY B 245 12.56 -4.26 -21.60
C GLY B 245 11.18 -4.07 -22.16
N ASP B 246 11.10 -3.67 -23.43
CA ASP B 246 9.85 -3.31 -24.07
C ASP B 246 8.87 -4.47 -24.22
N TYR B 247 9.38 -5.69 -24.37
CA TYR B 247 8.49 -6.86 -24.52
C TYR B 247 8.35 -7.76 -23.26
N THR B 248 8.95 -7.32 -22.15
CA THR B 248 8.99 -8.13 -20.93
C THR B 248 7.61 -8.37 -20.30
N ILE B 249 6.79 -7.32 -20.18
CA ILE B 249 5.43 -7.48 -19.65
C ILE B 249 4.65 -8.51 -20.48
N ALA B 250 4.72 -8.38 -21.81
CA ALA B 250 4.06 -9.32 -22.71
C ALA B 250 4.60 -10.75 -22.55
N ASN B 251 5.93 -10.88 -22.45
CA ASN B 251 6.57 -12.17 -22.20
C ASN B 251 6.04 -12.83 -20.93
N ALA B 252 5.93 -12.04 -19.86
CA ALA B 252 5.46 -12.54 -18.57
C ALA B 252 4.03 -13.05 -18.66
N ARG B 253 3.16 -12.27 -19.31
CA ARG B 253 1.76 -12.65 -19.49
C ARG B 253 1.63 -13.92 -20.32
N LYS B 254 2.43 -14.04 -21.39
CA LYS B 254 2.40 -15.23 -22.23
C LYS B 254 2.83 -16.46 -21.43
N LEU B 255 3.90 -16.34 -20.66
CA LEU B 255 4.41 -17.45 -19.85
C LEU B 255 3.38 -17.89 -18.80
N ILE B 256 2.78 -16.91 -18.12
CA ILE B 256 1.70 -17.21 -17.18
C ILE B 256 0.57 -17.99 -17.89
N ASP B 257 0.08 -17.46 -19.00
CA ASP B 257 -0.99 -18.10 -19.78
C ASP B 257 -0.65 -19.55 -20.15
N GLU B 258 0.55 -19.75 -20.68
CA GLU B 258 1.02 -21.09 -21.05
C GLU B 258 1.12 -22.04 -19.87
N MET B 259 1.62 -21.55 -18.73
CA MET B 259 1.75 -22.37 -17.52
C MET B 259 0.40 -22.72 -16.92
N VAL B 260 -0.49 -21.73 -16.86
CA VAL B 260 -1.86 -21.95 -16.41
C VAL B 260 -2.59 -22.89 -17.39
N GLY B 261 -2.33 -22.71 -18.68
CA GLY B 261 -2.89 -23.60 -19.71
C GLY B 261 -2.47 -25.05 -19.59
N LYS B 262 -1.34 -25.30 -18.92
CA LYS B 262 -0.85 -26.65 -18.67
C LYS B 262 -1.24 -27.17 -17.28
N GLY B 263 -2.03 -26.38 -16.54
CA GLY B 263 -2.56 -26.82 -15.25
C GLY B 263 -1.74 -26.38 -14.05
N PHE B 264 -0.87 -25.40 -14.25
CA PHE B 264 -0.03 -24.91 -13.15
C PHE B 264 -0.55 -23.60 -12.58
N PHE B 265 0.01 -23.21 -11.43
CA PHE B 265 -0.52 -22.10 -10.68
C PHE B 265 0.49 -20.98 -10.51
N LEU B 266 0.02 -19.75 -10.69
CA LEU B 266 0.84 -18.58 -10.39
C LEU B 266 0.65 -18.24 -8.91
N VAL B 267 1.71 -18.40 -8.13
CA VAL B 267 1.67 -18.15 -6.69
C VAL B 267 1.79 -16.65 -6.41
N GLN B 268 2.86 -16.06 -6.92
CA GLN B 268 3.14 -14.64 -6.69
C GLN B 268 4.09 -14.10 -7.74
N THR B 269 4.13 -12.78 -7.85
CA THR B 269 5.04 -12.11 -8.76
C THR B 269 5.74 -11.01 -7.98
N LYS B 270 6.81 -10.45 -8.56
CA LYS B 270 7.55 -9.33 -7.98
C LYS B 270 8.10 -8.45 -9.08
N GLU B 271 8.14 -7.14 -8.83
CA GLU B 271 8.92 -6.24 -9.68
C GLU B 271 9.82 -5.39 -8.81
N VAL B 272 11.13 -5.59 -8.97
CA VAL B 272 12.12 -5.00 -8.07
C VAL B 272 13.44 -4.82 -8.80
N SER B 273 14.18 -3.78 -8.45
CA SER B 273 15.51 -3.57 -9.00
C SER B 273 16.47 -4.60 -8.41
N MET B 274 17.31 -5.16 -9.27
CA MET B 274 18.34 -6.12 -8.87
C MET B 274 19.71 -5.50 -9.01
N LYS B 275 20.47 -5.49 -7.92
CA LYS B 275 21.87 -5.08 -7.95
C LYS B 275 22.71 -6.33 -8.27
N ALA B 276 23.96 -6.12 -8.68
CA ALA B 276 24.86 -7.22 -9.03
C ALA B 276 24.93 -8.31 -7.93
N GLU B 277 25.01 -7.86 -6.67
CA GLU B 277 25.09 -8.76 -5.52
C GLU B 277 23.84 -9.62 -5.37
N ASP B 278 22.69 -9.03 -5.68
CA ASP B 278 21.39 -9.74 -5.61
C ASP B 278 21.32 -10.85 -6.66
N ALA B 279 21.80 -10.54 -7.86
CA ALA B 279 21.85 -11.52 -8.95
C ALA B 279 22.76 -12.69 -8.60
N GLN B 280 23.91 -12.38 -7.98
CA GLN B 280 24.86 -13.39 -7.54
C GLN B 280 24.24 -14.27 -6.45
N ARG B 281 23.49 -13.65 -5.54
CA ARG B 281 22.82 -14.35 -4.46
C ARG B 281 21.77 -15.35 -4.97
N VAL B 282 20.90 -14.91 -5.87
CA VAL B 282 19.80 -15.73 -6.38
C VAL B 282 20.25 -16.73 -7.47
N PHE B 283 20.99 -16.26 -8.45
CA PHE B 283 21.23 -17.05 -9.64
C PHE B 283 22.48 -17.90 -9.49
N ARG B 284 23.26 -17.60 -8.47
CA ARG B 284 24.53 -18.27 -8.24
C ARG B 284 25.46 -18.28 -9.46
N GLU B 285 25.87 -19.45 -9.89
CA GLU B 285 26.84 -19.56 -10.99
C GLU B 285 26.29 -19.07 -12.34
N LYS B 286 24.98 -18.88 -12.39
CA LYS B 286 24.28 -18.47 -13.61
C LYS B 286 24.21 -16.95 -13.72
N ALA B 287 24.68 -16.25 -12.70
CA ALA B 287 24.64 -14.78 -12.62
C ALA B 287 25.39 -14.02 -13.72
N PRO B 288 26.64 -14.43 -14.07
CA PRO B 288 27.39 -13.72 -15.11
C PRO B 288 26.62 -13.47 -16.41
N ASP B 289 25.74 -14.40 -16.77
CA ASP B 289 24.89 -14.25 -17.95
C ASP B 289 23.89 -13.10 -17.84
N PHE B 290 23.53 -12.75 -16.61
CA PHE B 290 22.45 -11.79 -16.36
C PHE B 290 22.90 -10.39 -15.95
N LEU B 291 24.15 -10.26 -15.50
CA LEU B 291 24.69 -8.97 -15.04
C LEU B 291 24.53 -7.77 -15.99
N PRO B 292 24.80 -7.96 -17.31
CA PRO B 292 24.65 -6.83 -18.24
C PRO B 292 23.22 -6.29 -18.35
N LEU B 293 22.26 -7.03 -17.82
CA LEU B 293 20.84 -6.72 -17.99
C LEU B 293 20.19 -6.05 -16.77
N LEU B 294 20.95 -5.92 -15.67
CA LEU B 294 20.36 -5.47 -14.42
C LEU B 294 20.04 -3.98 -14.35
N ASN B 295 20.86 -3.17 -15.03
CA ASN B 295 20.65 -1.72 -15.06
C ASN B 295 19.59 -1.24 -16.06
N LYS B 296 19.08 -2.16 -16.88
CA LYS B 296 17.94 -1.89 -17.80
C LYS B 296 16.75 -1.28 -17.06
N GLY B 297 16.52 -1.80 -15.85
CA GLY B 297 15.34 -1.46 -15.06
C GLY B 297 15.02 -2.63 -14.15
N PRO B 298 13.87 -2.56 -13.42
CA PRO B 298 13.50 -3.59 -12.47
C PRO B 298 13.27 -4.94 -13.13
N VAL B 299 13.65 -6.03 -12.44
CA VAL B 299 13.36 -7.37 -12.94
C VAL B 299 11.93 -7.76 -12.57
N ILE B 300 11.39 -8.75 -13.27
CA ILE B 300 10.06 -9.27 -12.99
C ILE B 300 10.16 -10.76 -12.64
N ALA B 301 9.76 -11.10 -11.43
CA ALA B 301 9.85 -12.47 -10.94
C ALA B 301 8.48 -13.14 -10.93
N LEU B 302 8.46 -14.40 -11.33
CA LEU B 302 7.24 -15.21 -11.29
C LEU B 302 7.51 -16.46 -10.46
N GLU B 303 6.56 -16.80 -9.60
CA GLU B 303 6.61 -18.06 -8.86
C GLU B 303 5.46 -18.95 -9.29
N PHE B 304 5.80 -20.10 -9.85
CA PHE B 304 4.82 -21.11 -10.25
C PHE B 304 4.81 -22.28 -9.28
N ASN B 305 3.72 -23.02 -9.26
CA ASN B 305 3.52 -24.08 -8.28
C ASN B 305 2.76 -25.24 -8.93
N GLY B 306 3.17 -26.47 -8.60
CA GLY B 306 2.54 -27.66 -9.15
C GLY B 306 3.54 -28.74 -9.51
N ASP B 307 3.10 -30.00 -9.46
CA ASP B 307 3.95 -31.13 -9.80
C ASP B 307 4.34 -31.10 -11.28
N GLY B 308 5.65 -31.02 -11.52
CA GLY B 308 6.18 -30.90 -12.87
C GLY B 308 6.47 -29.46 -13.28
N ALA B 309 6.19 -28.52 -12.39
CA ALA B 309 6.27 -27.08 -12.74
C ALA B 309 7.60 -26.63 -13.33
N VAL B 310 8.71 -27.06 -12.73
CA VAL B 310 10.05 -26.66 -13.20
C VAL B 310 10.31 -27.17 -14.63
N GLU B 311 10.16 -28.47 -14.83
CA GLU B 311 10.40 -29.07 -16.15
C GLU B 311 9.52 -28.43 -17.24
N VAL B 312 8.22 -28.31 -16.96
CA VAL B 312 7.28 -27.70 -17.90
C VAL B 312 7.64 -26.25 -18.22
N CYS B 313 7.96 -25.49 -17.18
CA CYS B 313 8.35 -24.09 -17.37
C CYS B 313 9.61 -23.99 -18.25
N GLN B 314 10.58 -24.87 -18.01
CA GLN B 314 11.80 -24.94 -18.83
C GLN B 314 11.49 -25.24 -20.29
N LEU B 315 10.57 -26.18 -20.51
CA LEU B 315 10.18 -26.60 -21.86
C LEU B 315 9.45 -25.49 -22.62
N ILE B 316 8.57 -24.77 -21.93
CA ILE B 316 7.89 -23.63 -22.53
C ILE B 316 8.88 -22.55 -22.93
N VAL B 317 9.74 -22.16 -21.98
CA VAL B 317 10.76 -21.13 -22.19
C VAL B 317 11.72 -21.50 -23.34
N ASN B 318 12.12 -22.77 -23.37
CA ASN B 318 13.02 -23.30 -24.41
C ASN B 318 12.46 -23.14 -25.83
N GLU B 319 11.15 -23.22 -25.97
CA GLU B 319 10.50 -23.06 -27.27
C GLU B 319 10.21 -21.60 -27.61
N ILE B 320 9.55 -20.88 -26.70
CA ILE B 320 8.96 -19.58 -27.04
C ILE B 320 9.81 -18.35 -26.69
N PHE B 321 10.91 -18.55 -25.96
CA PHE B 321 11.77 -17.44 -25.57
C PHE B 321 13.23 -17.58 -25.98
N ASN B 322 13.53 -18.48 -26.92
CA ASN B 322 14.88 -18.57 -27.45
C ASN B 322 15.29 -17.22 -28.07
N GLY B 323 16.43 -16.72 -27.64
CA GLY B 323 16.89 -15.38 -28.04
C GLY B 323 16.61 -14.31 -27.01
N THR B 324 15.92 -14.68 -25.93
CA THR B 324 15.60 -13.79 -24.83
C THR B 324 16.12 -14.44 -23.54
N LYS B 325 17.05 -13.79 -22.87
CA LYS B 325 17.58 -14.34 -21.62
C LYS B 325 16.61 -14.17 -20.46
N MET B 326 16.39 -15.26 -19.73
CA MET B 326 15.63 -15.25 -18.50
C MET B 326 16.03 -16.42 -17.62
N PHE B 327 16.00 -16.19 -16.31
CA PHE B 327 16.31 -17.24 -15.35
C PHE B 327 15.12 -18.14 -15.13
N VAL B 328 15.36 -19.45 -15.15
CA VAL B 328 14.39 -20.44 -14.73
C VAL B 328 15.11 -21.42 -13.81
N SER B 329 14.50 -21.73 -12.66
CA SER B 329 15.02 -22.74 -11.73
C SER B 329 15.49 -24.00 -12.48
N GLU B 330 16.64 -24.53 -12.07
CA GLU B 330 17.24 -25.68 -12.73
C GLU B 330 16.51 -26.98 -12.40
N SER B 331 16.08 -27.10 -11.15
CA SER B 331 15.39 -28.30 -10.67
C SER B 331 14.47 -27.95 -9.51
N LYS B 332 13.53 -28.84 -9.23
CA LYS B 332 12.63 -28.69 -8.08
C LYS B 332 13.36 -28.67 -6.73
N GLU B 333 14.54 -29.31 -6.69
CA GLU B 333 15.36 -29.38 -5.48
C GLU B 333 16.07 -28.06 -5.15
N THR B 334 16.26 -27.22 -6.16
CA THR B 334 16.90 -25.92 -5.98
C THR B 334 15.91 -24.76 -6.09
N ALA B 335 14.72 -25.04 -6.62
CA ALA B 335 13.69 -24.02 -6.88
C ALA B 335 13.20 -23.27 -5.62
N SER B 336 12.90 -24.00 -4.55
CA SER B 336 12.43 -23.36 -3.31
C SER B 336 13.47 -22.42 -2.74
N GLY B 337 14.75 -22.82 -2.82
CA GLY B 337 15.88 -21.97 -2.47
C GLY B 337 15.96 -20.71 -3.31
N ASP B 338 15.74 -20.84 -4.62
CA ASP B 338 15.75 -19.71 -5.56
C ASP B 338 14.69 -18.67 -5.17
N VAL B 339 13.47 -19.16 -4.93
CA VAL B 339 12.31 -18.33 -4.57
C VAL B 339 12.58 -17.62 -3.24
N ASP B 340 13.06 -18.37 -2.26
CA ASP B 340 13.34 -17.83 -0.93
C ASP B 340 14.45 -16.78 -0.95
N SER B 341 15.51 -17.03 -1.72
CA SER B 341 16.59 -16.06 -1.90
C SER B 341 16.09 -14.80 -2.60
N PHE B 342 15.20 -14.98 -3.58
CA PHE B 342 14.65 -13.84 -4.29
C PHE B 342 13.84 -12.93 -3.36
N TYR B 343 12.88 -13.52 -2.63
CA TYR B 343 12.04 -12.75 -1.71
C TYR B 343 12.85 -12.16 -0.55
N ASN B 344 13.89 -12.87 -0.15
CA ASN B 344 14.85 -12.42 0.86
C ASN B 344 15.38 -11.02 0.54
N PHE B 345 16.03 -10.87 -0.62
CA PHE B 345 16.62 -9.59 -0.98
C PHE B 345 15.54 -8.56 -1.32
N ALA B 346 14.46 -9.02 -1.96
CA ALA B 346 13.37 -8.13 -2.39
C ALA B 346 12.64 -7.49 -1.21
N ASP B 347 12.42 -8.26 -0.14
CA ASP B 347 11.77 -7.75 1.07
C ASP B 347 12.66 -6.73 1.78
N ILE B 348 13.97 -6.97 1.75
CA ILE B 348 14.94 -6.06 2.35
C ILE B 348 14.98 -4.72 1.61
N GLN B 349 15.07 -4.77 0.28
CA GLN B 349 15.18 -3.55 -0.50
C GLN B 349 13.89 -2.72 -0.49
N MET B 350 12.76 -3.40 -0.54
CA MET B 350 11.46 -2.74 -0.51
C MET B 350 11.06 -2.28 0.90
N GLY B 351 11.60 -2.95 1.91
CA GLY B 351 11.27 -2.67 3.31
C GLY B 351 11.85 -1.36 3.83
N ILE B 352 11.44 -1.00 5.05
CA ILE B 352 11.83 0.27 5.68
C ILE B 352 13.30 0.25 6.11
#